data_7UEV
#
_entry.id   7UEV
#
_cell.length_a   98.233
_cell.length_b   98.233
_cell.length_c   69.096
_cell.angle_alpha   90.000
_cell.angle_beta   90.000
_cell.angle_gamma   120.000
#
_symmetry.space_group_name_H-M   'P 31 2 1'
#
loop_
_entity.id
_entity.type
_entity.pdbx_description
1 polymer 'Pantothenate kinase 3'
2 non-polymer N-(4-{2-[4-(6-chloropyridazin-3-yl)piperazin-1-yl]-2-oxoethyl}phenyl)-N-methylmethanesulfonamide
3 non-polymer 'ACETATE ION'
4 non-polymer 'PHOSPHOAMINOPHOSPHONIC ACID-ADENYLATE ESTER'
5 non-polymer 'MAGNESIUM ION'
6 non-polymer 1,2-ETHANEDIOL
7 non-polymer 'CHLORIDE ION'
8 water water
#
_entity_poly.entity_id   1
_entity_poly.type   'polypeptide(L)'
_entity_poly.pdbx_seq_one_letter_code
;MGSSHHHHHHSSGLVPRGSPWFGMDIGGTLVKLSYFEPIDITAEEEQEEVESLKSIRKYLTSNVAYGSTGIRDVHLELKD
LTLFGRRGNLHFIRFPTQDLPTFIQMGRDKNFSTLQTVLCATGGGAYKFEKDFRTIGNLHLHKLDELDCLVKGLLYIDSV
SFNGQAECYYFANASEPERCQKMPFNLDDPYPLLVVNIGSGVSILAVHSKDNYKRVTGTSLGGGTFLGLCSLLTGCESFE
EALEMASKGDSTQADKLVRDIYGGDYERFGLPGWAVASSFGNMIYKEKRESVSKEDLARATLVTITNNIGSVARMCAVNE
KINRVVFVGNFLRVNTLSMKLLAYALDYWSKGQLKALFLEHEGYFGAVGALLGLPNFSDD
;
_entity_poly.pdbx_strand_id   A
#
loop_
_chem_comp.id
_chem_comp.type
_chem_comp.name
_chem_comp.formula
ACT non-polymer 'ACETATE ION' 'C2 H3 O2 -1'
ANP non-polymer 'PHOSPHOAMINOPHOSPHONIC ACID-ADENYLATE ESTER' 'C10 H17 N6 O12 P3'
CL non-polymer 'CHLORIDE ION' 'Cl -1'
EDO non-polymer 1,2-ETHANEDIOL 'C2 H6 O2'
MG non-polymer 'MAGNESIUM ION' 'Mg 2'
N0I non-polymer N-(4-{2-[4-(6-chloropyridazin-3-yl)piperazin-1-yl]-2-oxoethyl}phenyl)-N-methylmethanesulfonamide 'C18 H22 Cl N5 O3 S'
#
# COMPACT_ATOMS: atom_id res chain seq x y z
N SER A 19 -14.54 -17.95 17.75
CA SER A 19 -14.59 -17.55 16.35
C SER A 19 -13.18 -17.32 15.82
N PRO A 20 -12.98 -17.44 14.50
CA PRO A 20 -11.68 -17.07 13.93
C PRO A 20 -11.37 -15.61 14.19
N TRP A 21 -10.08 -15.30 14.31
CA TRP A 21 -9.63 -13.94 14.60
C TRP A 21 -9.23 -13.33 13.26
N PHE A 22 -10.03 -12.37 12.78
CA PHE A 22 -9.80 -11.71 11.46
C PHE A 22 -9.80 -10.19 11.60
N GLY A 23 -8.95 -9.51 10.83
CA GLY A 23 -8.98 -8.03 10.79
C GLY A 23 -9.24 -7.66 9.34
N MET A 24 -10.15 -6.74 9.02
CA MET A 24 -10.44 -6.48 7.61
C MET A 24 -10.37 -4.98 7.34
N ASP A 25 -9.74 -4.63 6.24
CA ASP A 25 -9.69 -3.25 5.74
C ASP A 25 -10.35 -3.25 4.37
N ILE A 26 -11.55 -2.69 4.27
CA ILE A 26 -12.30 -2.66 3.04
C ILE A 26 -12.07 -1.30 2.40
N GLY A 27 -11.17 -1.27 1.43
CA GLY A 27 -10.89 -0.04 0.73
C GLY A 27 -11.78 0.16 -0.48
N GLY A 28 -11.49 1.26 -1.20
CA GLY A 28 -12.21 1.53 -2.44
C GLY A 28 -11.94 0.53 -3.55
N THR A 29 -10.76 -0.10 -3.53
CA THR A 29 -10.34 -1.01 -4.60
C THR A 29 -10.15 -2.43 -4.09
N LEU A 30 -9.41 -2.60 -3.00
CA LEU A 30 -9.10 -3.93 -2.47
C LEU A 30 -9.58 -4.08 -1.04
N VAL A 31 -9.97 -5.33 -0.71
CA VAL A 31 -10.19 -5.75 0.66
C VAL A 31 -8.90 -6.43 1.11
N LYS A 32 -8.42 -6.05 2.28
CA LYS A 32 -7.26 -6.71 2.88
C LYS A 32 -7.71 -7.39 4.16
N LEU A 33 -7.27 -8.62 4.34
CA LEU A 33 -7.71 -9.42 5.47
C LEU A 33 -6.48 -9.94 6.16
N SER A 34 -6.41 -9.77 7.49
CA SER A 34 -5.39 -10.44 8.29
C SER A 34 -6.06 -11.52 9.12
N TYR A 35 -5.47 -12.71 9.12
CA TYR A 35 -6.06 -13.88 9.75
C TYR A 35 -5.00 -14.51 10.64
N PHE A 36 -5.31 -14.66 11.93
CA PHE A 36 -4.42 -15.33 12.89
C PHE A 36 -4.81 -16.79 13.00
N GLU A 37 -3.90 -17.68 12.57
CA GLU A 37 -4.11 -19.12 12.66
C GLU A 37 -3.43 -19.63 13.91
N PRO A 38 -4.17 -20.07 14.93
CA PRO A 38 -3.49 -20.59 16.13
C PRO A 38 -2.77 -21.89 15.80
N ILE A 39 -1.57 -22.07 16.36
CA ILE A 39 -0.79 -23.28 16.17
C ILE A 39 -0.55 -24.02 17.47
N ASP A 40 -1.15 -23.57 18.57
CA ASP A 40 -1.00 -24.21 19.86
C ASP A 40 -2.31 -24.88 20.29
N ILE A 41 -3.04 -25.41 19.32
CA ILE A 41 -4.32 -26.07 19.59
C ILE A 41 -4.05 -27.36 20.33
N THR A 42 -4.66 -27.50 21.50
CA THR A 42 -4.50 -28.73 22.28
C THR A 42 -5.48 -29.80 21.81
N ALA A 43 -5.31 -31.00 22.35
CA ALA A 43 -6.20 -32.12 22.03
C ALA A 43 -7.64 -31.79 22.38
N GLU A 44 -7.87 -31.24 23.57
CA GLU A 44 -9.22 -30.90 24.00
C GLU A 44 -9.81 -29.78 23.15
N GLU A 45 -8.99 -28.78 22.80
CA GLU A 45 -9.49 -27.68 21.98
C GLU A 45 -9.91 -28.17 20.60
N GLU A 46 -9.19 -29.15 20.06
CA GLU A 46 -9.54 -29.65 18.73
C GLU A 46 -10.88 -30.36 18.74
N GLN A 47 -11.17 -31.12 19.80
CA GLN A 47 -12.47 -31.78 19.92
C GLN A 47 -13.60 -30.76 19.98
N GLU A 48 -13.44 -29.72 20.80
CA GLU A 48 -14.46 -28.68 20.96
C GLU A 48 -14.64 -27.82 19.72
N GLU A 49 -13.81 -27.98 18.70
CA GLU A 49 -13.90 -27.15 17.50
C GLU A 49 -15.04 -27.65 16.62
N VAL A 50 -15.96 -26.75 16.29
CA VAL A 50 -17.07 -27.10 15.40
C VAL A 50 -16.54 -27.27 13.97
N GLU A 51 -17.24 -28.12 13.20
CA GLU A 51 -16.74 -28.49 11.88
C GLU A 51 -16.58 -27.27 10.95
N SER A 52 -17.52 -26.32 10.99
CA SER A 52 -17.41 -25.15 10.12
C SER A 52 -16.13 -24.37 10.41
N LEU A 53 -15.78 -24.21 11.69
CA LEU A 53 -14.51 -23.57 12.06
C LEU A 53 -13.33 -24.35 11.49
N LYS A 54 -13.33 -25.67 11.67
CA LYS A 54 -12.27 -26.50 11.11
C LYS A 54 -12.24 -26.37 9.60
N SER A 55 -13.40 -26.29 8.96
CA SER A 55 -13.46 -26.13 7.52
C SER A 55 -12.86 -24.80 7.07
N ILE A 56 -13.18 -23.71 7.79
CA ILE A 56 -12.60 -22.40 7.48
C ILE A 56 -11.09 -22.45 7.58
N ARG A 57 -10.57 -23.02 8.67
CA ARG A 57 -9.13 -22.97 8.89
C ARG A 57 -8.40 -23.78 7.83
N LYS A 58 -8.92 -24.97 7.53
CA LYS A 58 -8.30 -25.81 6.50
C LYS A 58 -8.39 -25.14 5.13
N TYR A 59 -9.53 -24.53 4.81
CA TYR A 59 -9.69 -23.86 3.52
C TYR A 59 -8.67 -22.73 3.36
N LEU A 60 -8.49 -21.94 4.40
CA LEU A 60 -7.62 -20.77 4.30
C LEU A 60 -6.15 -21.17 4.28
N THR A 61 -5.76 -22.21 5.05
CA THR A 61 -4.34 -22.60 5.12
C THR A 61 -3.92 -23.59 4.03
N SER A 62 -4.86 -24.25 3.35
CA SER A 62 -4.52 -25.24 2.32
C SER A 62 -4.69 -24.71 0.92
N ASN A 63 -5.10 -23.46 0.76
CA ASN A 63 -5.20 -22.81 -0.55
C ASN A 63 -4.45 -21.49 -0.52
N VAL A 64 -3.87 -21.13 -1.66
CA VAL A 64 -3.25 -19.82 -1.81
C VAL A 64 -4.03 -18.92 -2.76
N ALA A 65 -4.92 -19.47 -3.57
CA ALA A 65 -5.89 -18.72 -4.35
C ALA A 65 -7.27 -19.11 -3.85
N TYR A 66 -8.13 -18.12 -3.66
CA TYR A 66 -9.46 -18.36 -3.13
C TYR A 66 -10.45 -17.94 -4.22
N GLY A 67 -11.18 -18.90 -4.77
CA GLY A 67 -12.00 -18.53 -5.90
C GLY A 67 -11.16 -18.01 -7.05
N SER A 68 -11.75 -17.10 -7.82
CA SER A 68 -11.05 -16.56 -8.97
C SER A 68 -10.25 -15.32 -8.69
N THR A 69 -10.52 -14.59 -7.59
CA THR A 69 -9.84 -13.31 -7.40
C THR A 69 -9.17 -13.13 -6.04
N GLY A 70 -9.29 -14.07 -5.11
CA GLY A 70 -8.64 -13.93 -3.81
C GLY A 70 -7.25 -14.55 -3.82
N ILE A 71 -6.31 -13.89 -3.13
CA ILE A 71 -4.92 -14.33 -3.09
C ILE A 71 -4.41 -14.23 -1.66
N ARG A 72 -3.73 -15.26 -1.20
CA ARG A 72 -2.95 -15.19 0.03
C ARG A 72 -1.49 -14.89 -0.31
N ASP A 73 -0.96 -13.84 0.30
CA ASP A 73 0.42 -13.41 0.09
C ASP A 73 1.31 -14.19 1.05
N VAL A 74 1.66 -15.42 0.63
CA VAL A 74 2.34 -16.37 1.51
C VAL A 74 3.69 -15.83 2.00
N HIS A 75 4.40 -15.09 1.14
CA HIS A 75 5.72 -14.58 1.50
C HIS A 75 5.67 -13.61 2.67
N LEU A 76 4.52 -13.02 2.96
CA LEU A 76 4.37 -12.05 4.03
C LEU A 76 4.02 -12.68 5.39
N GLU A 77 3.71 -13.96 5.43
CA GLU A 77 3.21 -14.59 6.66
C GLU A 77 4.20 -14.41 7.81
N LEU A 78 3.67 -14.02 8.98
CA LEU A 78 4.47 -13.97 10.21
C LEU A 78 4.26 -15.29 10.95
N LYS A 79 5.36 -16.00 11.20
CA LYS A 79 5.27 -17.33 11.78
C LYS A 79 5.55 -17.29 13.28
N ASP A 80 4.79 -18.07 14.03
CA ASP A 80 5.04 -18.26 15.46
C ASP A 80 5.00 -16.92 16.19
N LEU A 81 3.99 -16.13 15.86
CA LEU A 81 3.67 -14.90 16.55
C LEU A 81 2.86 -15.22 17.80
N THR A 82 3.14 -14.51 18.88
CA THR A 82 2.32 -14.58 20.09
C THR A 82 1.37 -13.40 20.07
N LEU A 83 0.08 -13.69 20.04
CA LEU A 83 -0.93 -12.64 19.93
C LEU A 83 -2.10 -13.02 20.82
N PHE A 84 -2.51 -12.10 21.68
CA PHE A 84 -3.59 -12.35 22.63
C PHE A 84 -3.35 -13.61 23.46
N GLY A 85 -2.08 -13.89 23.80
CA GLY A 85 -1.76 -15.03 24.63
C GLY A 85 -1.75 -16.38 23.94
N ARG A 86 -1.97 -16.42 22.63
CA ARG A 86 -1.87 -17.64 21.83
C ARG A 86 -0.69 -17.51 20.88
N ARG A 87 -0.11 -18.63 20.49
CA ARG A 87 0.87 -18.65 19.42
C ARG A 87 0.20 -19.04 18.12
N GLY A 88 0.62 -18.41 17.05
CA GLY A 88 0.01 -18.74 15.78
C GLY A 88 0.74 -18.07 14.65
N ASN A 89 0.21 -18.26 13.45
CA ASN A 89 0.74 -17.61 12.26
C ASN A 89 -0.22 -16.52 11.82
N LEU A 90 0.34 -15.39 11.44
CA LEU A 90 -0.46 -14.29 10.91
C LEU A 90 -0.40 -14.31 9.38
N HIS A 91 -1.58 -14.44 8.75
CA HIS A 91 -1.72 -14.54 7.31
C HIS A 91 -2.28 -13.26 6.71
N PHE A 92 -1.94 -13.02 5.43
CA PHE A 92 -2.30 -11.78 4.75
C PHE A 92 -2.97 -12.13 3.41
N ILE A 93 -4.22 -11.67 3.24
CA ILE A 93 -5.07 -12.12 2.15
C ILE A 93 -5.72 -10.90 1.51
N ARG A 94 -5.85 -10.88 0.18
CA ARG A 94 -6.48 -9.74 -0.48
C ARG A 94 -7.41 -10.18 -1.62
N PHE A 95 -8.42 -9.38 -1.88
CA PHE A 95 -9.32 -9.63 -3.00
C PHE A 95 -9.99 -8.31 -3.37
N PRO A 96 -10.57 -8.21 -4.56
CA PRO A 96 -11.13 -6.91 -4.98
C PRO A 96 -12.41 -6.61 -4.21
N THR A 97 -12.56 -5.35 -3.80
CA THR A 97 -13.80 -4.93 -3.16
C THR A 97 -15.02 -5.24 -4.02
N GLN A 98 -14.88 -5.14 -5.34
CA GLN A 98 -15.97 -5.54 -6.24
C GLN A 98 -16.48 -6.96 -5.98
N ASP A 99 -15.66 -7.84 -5.41
CA ASP A 99 -16.07 -9.21 -5.13
C ASP A 99 -16.49 -9.42 -3.68
N LEU A 100 -16.61 -8.37 -2.90
CA LEU A 100 -17.10 -8.54 -1.54
C LEU A 100 -18.46 -9.24 -1.49
N PRO A 101 -19.40 -9.02 -2.43
CA PRO A 101 -20.65 -9.81 -2.38
C PRO A 101 -20.43 -11.31 -2.38
N THR A 102 -19.50 -11.81 -3.19
CA THR A 102 -19.14 -13.23 -3.12
C THR A 102 -18.66 -13.61 -1.73
N PHE A 103 -17.78 -12.81 -1.14
CA PHE A 103 -17.24 -13.10 0.19
C PHE A 103 -18.36 -13.19 1.21
N ILE A 104 -19.31 -12.24 1.17
CA ILE A 104 -20.38 -12.24 2.16
C ILE A 104 -21.34 -13.40 1.91
N GLN A 105 -21.61 -13.72 0.63
CA GLN A 105 -22.44 -14.89 0.31
C GLN A 105 -21.81 -16.18 0.81
N MET A 106 -20.49 -16.34 0.64
CA MET A 106 -19.82 -17.50 1.22
C MET A 106 -19.95 -17.50 2.74
N GLY A 107 -19.89 -16.33 3.37
CA GLY A 107 -20.09 -16.27 4.81
C GLY A 107 -21.46 -16.76 5.24
N ARG A 108 -22.49 -16.47 4.45
CA ARG A 108 -23.85 -16.86 4.82
C ARG A 108 -24.16 -18.34 4.57
N ASP A 109 -23.23 -19.11 4.03
CA ASP A 109 -23.54 -20.50 3.65
C ASP A 109 -22.79 -21.54 4.50
N THR A 117 -19.26 -14.72 15.08
CA THR A 117 -17.99 -14.06 14.81
C THR A 117 -18.08 -12.56 15.09
N VAL A 118 -17.00 -12.02 15.67
CA VAL A 118 -16.85 -10.58 15.85
C VAL A 118 -15.91 -10.12 14.75
N LEU A 119 -16.37 -9.21 13.90
CA LEU A 119 -15.55 -8.77 12.79
C LEU A 119 -15.13 -7.33 13.05
N CYS A 120 -13.84 -7.15 13.26
CA CYS A 120 -13.27 -5.81 13.36
C CYS A 120 -12.91 -5.38 11.94
N ALA A 121 -13.50 -4.25 11.50
CA ALA A 121 -13.39 -3.80 10.12
C ALA A 121 -13.10 -2.31 10.08
N THR A 122 -12.26 -1.92 9.13
CA THR A 122 -11.91 -0.52 8.90
C THR A 122 -11.97 -0.22 7.41
N GLY A 123 -11.55 0.98 7.02
CA GLY A 123 -11.71 1.41 5.64
C GLY A 123 -13.11 1.95 5.39
N GLY A 124 -13.25 2.69 4.27
CA GLY A 124 -14.56 3.25 3.94
C GLY A 124 -15.63 2.20 3.79
N GLY A 125 -15.25 0.98 3.37
CA GLY A 125 -16.23 -0.06 3.18
C GLY A 125 -16.81 -0.61 4.46
N ALA A 126 -16.15 -0.41 5.59
CA ALA A 126 -16.76 -0.81 6.86
C ALA A 126 -18.04 -0.06 7.09
N TYR A 127 -18.11 1.19 6.60
CA TYR A 127 -19.33 1.98 6.68
C TYR A 127 -20.26 1.66 5.53
N LYS A 128 -19.75 1.66 4.31
CA LYS A 128 -20.60 1.51 3.14
C LYS A 128 -21.30 0.16 3.13
N PHE A 129 -20.61 -0.89 3.57
CA PHE A 129 -21.16 -2.25 3.50
C PHE A 129 -21.58 -2.78 4.86
N GLU A 130 -21.73 -1.89 5.84
CA GLU A 130 -22.17 -2.30 7.16
C GLU A 130 -23.43 -3.18 7.12
N LYS A 131 -24.46 -2.73 6.40
CA LYS A 131 -25.71 -3.48 6.37
C LYS A 131 -25.54 -4.84 5.71
N ASP A 132 -24.61 -4.91 4.74
CA ASP A 132 -24.35 -6.18 4.08
C ASP A 132 -23.73 -7.20 5.03
N PHE A 133 -22.74 -6.76 5.81
CA PHE A 133 -22.14 -7.67 6.79
C PHE A 133 -23.15 -8.11 7.82
N ARG A 134 -24.13 -7.28 8.13
CA ARG A 134 -25.13 -7.68 9.09
C ARG A 134 -26.12 -8.72 8.56
N THR A 135 -26.09 -9.03 7.26
CA THR A 135 -26.93 -10.13 6.76
C THR A 135 -26.44 -11.49 7.21
N ILE A 136 -25.23 -11.56 7.75
CA ILE A 136 -24.72 -12.76 8.40
C ILE A 136 -25.27 -12.76 9.82
N GLY A 137 -26.19 -13.67 10.11
CA GLY A 137 -26.88 -13.70 11.39
C GLY A 137 -25.93 -13.65 12.58
N ASN A 138 -26.31 -12.88 13.59
CA ASN A 138 -25.62 -12.76 14.87
C ASN A 138 -24.21 -12.20 14.73
N LEU A 139 -23.76 -11.86 13.52
CA LEU A 139 -22.43 -11.27 13.35
C LEU A 139 -22.41 -9.88 13.96
N HIS A 140 -21.40 -9.62 14.79
CA HIS A 140 -21.18 -8.30 15.35
C HIS A 140 -20.09 -7.61 14.53
N LEU A 141 -20.45 -6.49 13.90
CA LEU A 141 -19.51 -5.71 13.13
C LEU A 141 -19.06 -4.51 13.95
N HIS A 142 -17.76 -4.35 14.11
CA HIS A 142 -17.21 -3.24 14.87
C HIS A 142 -16.37 -2.40 13.92
N LYS A 143 -16.87 -1.21 13.58
CA LYS A 143 -16.16 -0.32 12.68
C LYS A 143 -15.06 0.43 13.43
N LEU A 144 -13.85 0.42 12.89
CA LEU A 144 -12.73 1.06 13.56
C LEU A 144 -12.14 2.12 12.64
N ASP A 145 -11.60 3.16 13.25
CA ASP A 145 -11.11 4.29 12.47
C ASP A 145 -9.86 3.90 11.70
N GLU A 146 -9.89 4.22 10.40
CA GLU A 146 -8.79 3.96 9.49
C GLU A 146 -7.46 4.46 10.05
N LEU A 147 -7.45 5.66 10.62
CA LEU A 147 -6.19 6.26 11.11
C LEU A 147 -5.63 5.48 12.28
N ASP A 148 -6.46 5.25 13.29
CA ASP A 148 -6.01 4.43 14.40
C ASP A 148 -5.50 3.10 13.89
N CYS A 149 -6.19 2.50 12.91
CA CYS A 149 -5.82 1.14 12.49
C CYS A 149 -4.49 1.13 11.74
N LEU A 150 -4.31 2.07 10.82
CA LEU A 150 -3.06 2.11 10.06
C LEU A 150 -1.87 2.34 10.99
N VAL A 151 -1.97 3.32 11.90
CA VAL A 151 -0.84 3.61 12.79
C VAL A 151 -0.58 2.45 13.74
N LYS A 152 -1.62 1.90 14.36
CA LYS A 152 -1.44 0.78 15.27
C LYS A 152 -0.84 -0.42 14.55
N GLY A 153 -1.32 -0.72 13.34
CA GLY A 153 -0.83 -1.89 12.61
C GLY A 153 0.60 -1.74 12.19
N LEU A 154 0.96 -0.54 11.71
CA LEU A 154 2.33 -0.26 11.28
C LEU A 154 3.29 -0.36 12.46
N LEU A 155 2.95 0.27 13.58
CA LEU A 155 3.82 0.21 14.74
C LEU A 155 3.95 -1.22 15.26
N TYR A 156 2.86 -1.99 15.22
CA TYR A 156 2.90 -3.35 15.73
C TYR A 156 3.81 -4.24 14.88
N ILE A 157 3.59 -4.24 13.56
CA ILE A 157 4.38 -5.10 12.68
C ILE A 157 5.86 -4.74 12.76
N ASP A 158 6.20 -3.45 12.75
CA ASP A 158 7.60 -3.13 12.93
C ASP A 158 8.13 -3.66 14.27
N SER A 159 7.30 -3.64 15.32
CA SER A 159 7.78 -4.03 16.63
C SER A 159 8.04 -5.54 16.71
N VAL A 160 7.20 -6.35 16.06
CA VAL A 160 7.40 -7.80 16.13
C VAL A 160 8.44 -8.31 15.14
N SER A 161 8.83 -7.48 14.18
CA SER A 161 9.76 -7.78 13.08
C SER A 161 9.13 -8.70 12.04
N PHE A 162 9.79 -8.78 10.88
CA PHE A 162 9.35 -9.64 9.79
C PHE A 162 10.13 -10.95 9.92
N ASN A 163 9.64 -11.80 10.82
CA ASN A 163 10.32 -13.07 11.11
C ASN A 163 11.81 -12.85 11.39
N GLY A 164 12.12 -11.84 12.20
CA GLY A 164 13.47 -11.53 12.61
C GLY A 164 14.20 -10.57 11.71
N GLN A 165 13.69 -10.32 10.52
CA GLN A 165 14.26 -9.32 9.62
C GLN A 165 13.55 -7.99 9.79
N ALA A 166 14.21 -6.93 9.34
CA ALA A 166 13.58 -5.61 9.37
C ALA A 166 12.29 -5.55 8.57
N GLU A 167 11.28 -4.92 9.15
CA GLU A 167 10.09 -4.61 8.38
C GLU A 167 10.32 -3.40 7.48
N CYS A 168 11.22 -2.50 7.86
CA CYS A 168 11.37 -1.21 7.17
C CYS A 168 12.68 -1.22 6.37
N TYR A 169 12.64 -0.69 5.16
CA TYR A 169 13.85 -0.65 4.34
C TYR A 169 13.89 0.66 3.56
N TYR A 170 15.05 0.95 3.00
CA TYR A 170 15.23 2.12 2.14
C TYR A 170 16.17 1.72 1.01
N PHE A 171 16.35 2.62 0.03
CA PHE A 171 17.28 2.35 -1.06
C PHE A 171 18.53 3.18 -0.83
N ALA A 172 19.63 2.50 -0.48
CA ALA A 172 20.90 3.16 -0.23
C ALA A 172 21.46 3.71 -1.54
N ASN A 173 22.12 4.86 -1.44
CA ASN A 173 22.73 5.52 -2.61
C ASN A 173 21.75 5.54 -3.78
N ALA A 174 20.53 6.01 -3.50
CA ALA A 174 19.45 6.00 -4.49
C ALA A 174 19.76 6.87 -5.71
N SER A 175 20.80 7.72 -5.65
CA SER A 175 21.18 8.53 -6.79
C SER A 175 22.03 7.77 -7.81
N GLU A 176 22.85 6.81 -7.35
CA GLU A 176 23.80 6.13 -8.23
C GLU A 176 23.29 4.72 -8.54
N PRO A 177 22.90 4.43 -9.79
CA PRO A 177 22.22 3.15 -10.06
C PRO A 177 23.15 1.94 -9.99
N GLU A 178 24.45 2.12 -10.20
CA GLU A 178 25.40 1.02 -9.99
C GLU A 178 25.53 0.65 -8.53
N ARG A 179 25.08 1.52 -7.62
CA ARG A 179 25.17 1.26 -6.19
C ARG A 179 23.82 1.13 -5.49
N CYS A 180 22.74 1.60 -6.10
CA CYS A 180 21.44 1.64 -5.44
C CYS A 180 20.99 0.24 -5.05
N GLN A 181 20.75 0.03 -3.75
CA GLN A 181 20.32 -1.28 -3.27
C GLN A 181 19.41 -1.15 -2.04
N LYS A 182 18.46 -2.06 -1.95
CA LYS A 182 17.58 -2.18 -0.78
C LYS A 182 18.38 -2.49 0.49
N MET A 183 18.17 -1.71 1.55
CA MET A 183 18.86 -1.91 2.84
C MET A 183 17.90 -1.74 4.01
N PRO A 184 18.13 -2.43 5.12
CA PRO A 184 17.17 -2.34 6.24
C PRO A 184 17.33 -1.02 6.98
N PHE A 185 16.22 -0.57 7.58
CA PHE A 185 16.18 0.69 8.31
C PHE A 185 15.55 0.45 9.68
N ASN A 186 16.22 0.91 10.74
CA ASN A 186 15.73 0.72 12.10
C ASN A 186 14.67 1.77 12.46
N LEU A 187 13.48 1.32 12.85
CA LEU A 187 12.40 2.16 13.36
C LEU A 187 12.12 1.93 14.84
N ASP A 188 13.16 1.70 15.66
CA ASP A 188 12.92 1.40 17.07
C ASP A 188 12.39 2.61 17.83
N ASP A 189 12.85 3.82 17.48
CA ASP A 189 12.22 5.05 17.95
C ASP A 189 11.63 5.70 16.72
N PRO A 190 10.39 5.37 16.34
CA PRO A 190 9.87 5.80 15.04
C PRO A 190 9.43 7.24 14.99
N TYR A 191 9.35 7.93 16.14
CA TYR A 191 8.69 9.22 16.02
C TYR A 191 9.71 10.34 15.88
N PRO A 192 9.37 11.41 15.14
CA PRO A 192 8.12 11.54 14.39
C PRO A 192 8.24 10.87 13.03
N LEU A 193 7.11 10.64 12.37
CA LEU A 193 7.10 9.89 11.12
C LEU A 193 6.01 10.48 10.24
N LEU A 194 6.31 10.72 8.97
CA LEU A 194 5.29 11.05 7.96
C LEU A 194 4.93 9.79 7.20
N VAL A 195 3.66 9.40 7.24
CA VAL A 195 3.18 8.19 6.58
C VAL A 195 2.39 8.64 5.36
N VAL A 196 2.82 8.18 4.20
CA VAL A 196 2.13 8.48 2.93
C VAL A 196 1.45 7.20 2.45
N ASN A 197 0.11 7.17 2.52
CA ASN A 197 -0.68 5.98 2.23
C ASN A 197 -1.22 6.13 0.82
N ILE A 198 -0.64 5.39 -0.11
CA ILE A 198 -1.02 5.48 -1.51
C ILE A 198 -1.97 4.33 -1.80
N GLY A 199 -3.28 4.62 -1.83
CA GLY A 199 -4.28 3.63 -2.19
C GLY A 199 -4.95 4.10 -3.47
N SER A 200 -6.29 4.14 -3.54
CA SER A 200 -6.96 4.75 -4.69
C SER A 200 -6.55 6.21 -4.84
N GLY A 201 -6.51 6.94 -3.72
CA GLY A 201 -6.01 8.29 -3.59
C GLY A 201 -4.78 8.29 -2.69
N VAL A 202 -4.48 9.41 -2.05
CA VAL A 202 -3.32 9.47 -1.17
C VAL A 202 -3.75 10.18 0.12
N SER A 203 -3.45 9.58 1.26
CA SER A 203 -3.59 10.25 2.55
C SER A 203 -2.21 10.41 3.16
N ILE A 204 -1.96 11.54 3.80
CA ILE A 204 -0.68 11.82 4.42
C ILE A 204 -0.91 12.07 5.89
N LEU A 205 -0.22 11.32 6.73
CA LEU A 205 -0.37 11.35 8.18
C LEU A 205 0.92 11.82 8.82
N ALA A 206 0.79 12.60 9.89
CA ALA A 206 1.92 12.98 10.72
C ALA A 206 1.80 12.24 12.03
N VAL A 207 2.78 11.43 12.36
CA VAL A 207 2.71 10.59 13.55
C VAL A 207 3.77 11.12 14.50
N HIS A 208 3.33 11.70 15.62
CA HIS A 208 4.22 12.28 16.63
C HIS A 208 4.45 11.34 17.80
N SER A 209 3.46 10.55 18.19
CA SER A 209 3.63 9.52 19.20
C SER A 209 2.67 8.37 18.91
N LYS A 210 2.69 7.35 19.78
CA LYS A 210 1.75 6.24 19.65
C LYS A 210 0.31 6.71 19.81
N ASP A 211 0.08 7.84 20.49
CA ASP A 211 -1.26 8.36 20.71
C ASP A 211 -1.47 9.77 20.15
N ASN A 212 -0.54 10.29 19.33
CA ASN A 212 -0.62 11.66 18.84
C ASN A 212 -0.29 11.64 17.35
N TYR A 213 -1.32 11.67 16.53
CA TYR A 213 -1.12 11.60 15.10
C TYR A 213 -2.32 12.26 14.46
N LYS A 214 -2.13 12.72 13.23
CA LYS A 214 -3.14 13.48 12.51
C LYS A 214 -3.01 13.20 11.02
N ARG A 215 -4.13 13.39 10.30
CA ARG A 215 -4.10 13.41 8.85
C ARG A 215 -3.77 14.83 8.40
N VAL A 216 -2.62 15.00 7.74
CA VAL A 216 -2.12 16.32 7.34
C VAL A 216 -2.92 16.87 6.17
N THR A 217 -3.03 16.06 5.14
CA THR A 217 -3.77 16.39 3.92
C THR A 217 -3.89 15.10 3.12
N GLY A 218 -4.29 15.23 1.86
CA GLY A 218 -4.36 14.09 0.97
C GLY A 218 -4.36 14.63 -0.44
N THR A 219 -4.23 13.74 -1.41
CA THR A 219 -4.38 14.13 -2.80
C THR A 219 -5.22 13.07 -3.50
N SER A 220 -5.91 13.48 -4.55
CA SER A 220 -6.69 12.50 -5.29
CA SER A 220 -6.71 12.57 -5.34
C SER A 220 -5.92 11.90 -6.44
N LEU A 221 -4.63 12.24 -6.62
CA LEU A 221 -3.82 11.64 -7.67
C LEU A 221 -3.05 10.46 -7.09
N GLY A 222 -3.68 9.29 -7.10
CA GLY A 222 -3.14 8.14 -6.42
C GLY A 222 -3.13 6.92 -7.32
N GLY A 223 -3.16 5.74 -6.68
CA GLY A 223 -3.10 4.51 -7.44
C GLY A 223 -4.27 4.31 -8.37
N GLY A 224 -5.46 4.81 -8.01
CA GLY A 224 -6.60 4.67 -8.89
C GLY A 224 -6.48 5.54 -10.14
N THR A 225 -5.83 6.69 -10.00
CA THR A 225 -5.50 7.52 -11.16
C THR A 225 -4.53 6.82 -12.11
N PHE A 226 -3.48 6.20 -11.56
CA PHE A 226 -2.59 5.42 -12.40
C PHE A 226 -3.35 4.35 -13.16
N LEU A 227 -4.13 3.52 -12.44
CA LEU A 227 -4.80 2.41 -13.06
C LEU A 227 -5.89 2.87 -14.02
N GLY A 228 -6.67 3.87 -13.63
CA GLY A 228 -7.74 4.35 -14.48
C GLY A 228 -7.23 5.02 -15.75
N LEU A 229 -6.26 5.94 -15.61
CA LEU A 229 -5.71 6.61 -16.80
C LEU A 229 -4.99 5.63 -17.69
N CYS A 230 -4.18 4.79 -17.07
CA CYS A 230 -3.45 3.78 -17.87
C CYS A 230 -4.46 2.93 -18.65
N SER A 231 -5.56 2.51 -18.03
CA SER A 231 -6.55 1.70 -18.75
C SER A 231 -7.16 2.48 -19.93
N LEU A 232 -7.48 3.75 -19.71
CA LEU A 232 -8.06 4.55 -20.78
C LEU A 232 -7.06 4.73 -21.93
N LEU A 233 -5.78 4.95 -21.60
CA LEU A 233 -4.77 5.32 -22.59
C LEU A 233 -4.19 4.13 -23.33
N THR A 234 -4.12 2.97 -22.67
CA THR A 234 -3.44 1.81 -23.23
C THR A 234 -4.34 0.60 -23.40
N GLY A 235 -5.51 0.58 -22.76
CA GLY A 235 -6.36 -0.60 -22.85
C GLY A 235 -5.90 -1.76 -21.99
N CYS A 236 -4.93 -1.54 -21.09
CA CYS A 236 -4.53 -2.59 -20.16
C CYS A 236 -5.72 -2.99 -19.28
N GLU A 237 -5.72 -4.26 -18.86
CA GLU A 237 -6.84 -4.72 -18.03
C GLU A 237 -6.40 -5.25 -16.68
N SER A 238 -5.21 -4.90 -16.21
CA SER A 238 -4.85 -5.22 -14.84
C SER A 238 -3.72 -4.31 -14.40
N PHE A 239 -3.61 -4.18 -13.08
CA PHE A 239 -2.51 -3.41 -12.50
C PHE A 239 -1.17 -3.98 -12.93
N GLU A 240 -1.02 -5.31 -12.86
CA GLU A 240 0.24 -5.92 -13.26
C GLU A 240 0.56 -5.68 -14.73
N GLU A 241 -0.46 -5.74 -15.59
CA GLU A 241 -0.21 -5.47 -17.01
C GLU A 241 0.20 -4.01 -17.22
N ALA A 242 -0.40 -3.08 -16.47
CA ALA A 242 -0.02 -1.68 -16.58
C ALA A 242 1.44 -1.49 -16.21
N LEU A 243 1.90 -2.14 -15.14
CA LEU A 243 3.30 -2.06 -14.73
C LEU A 243 4.23 -2.68 -15.75
N GLU A 244 3.84 -3.83 -16.34
CA GLU A 244 4.68 -4.45 -17.36
C GLU A 244 4.85 -3.55 -18.58
N MET A 245 3.74 -2.92 -19.02
CA MET A 245 3.83 -1.93 -20.09
C MET A 245 4.78 -0.81 -19.72
N ALA A 246 4.63 -0.26 -18.52
CA ALA A 246 5.42 0.90 -18.12
C ALA A 246 6.90 0.54 -18.05
N SER A 247 7.22 -0.71 -17.71
CA SER A 247 8.62 -1.11 -17.67
C SER A 247 9.28 -1.07 -19.04
N LYS A 248 8.49 -1.14 -20.12
CA LYS A 248 9.01 -1.16 -21.47
C LYS A 248 9.00 0.22 -22.12
N GLY A 249 8.39 1.22 -21.48
CA GLY A 249 8.16 2.51 -22.11
C GLY A 249 9.24 3.53 -21.84
N ASP A 250 9.13 4.65 -22.55
CA ASP A 250 10.00 5.81 -22.39
C ASP A 250 9.07 7.00 -22.12
N SER A 251 8.99 7.44 -20.87
CA SER A 251 8.05 8.53 -20.54
C SER A 251 8.39 9.84 -21.24
N THR A 252 9.65 10.01 -21.65
CA THR A 252 10.06 11.28 -22.29
C THR A 252 9.46 11.43 -23.69
N GLN A 253 8.89 10.36 -24.25
CA GLN A 253 8.14 10.50 -25.51
C GLN A 253 6.84 11.26 -25.30
N ALA A 254 6.27 11.21 -24.09
CA ALA A 254 5.03 11.91 -23.79
C ALA A 254 5.23 13.21 -23.03
N ASP A 255 6.20 13.24 -22.12
CA ASP A 255 6.44 14.39 -21.25
C ASP A 255 7.32 15.42 -21.94
N LYS A 256 7.09 16.70 -21.60
CA LYS A 256 7.98 17.79 -22.02
C LYS A 256 8.98 18.06 -20.90
N LEU A 257 10.27 17.98 -21.21
CA LEU A 257 11.31 18.15 -20.20
C LEU A 257 11.82 19.58 -20.18
N VAL A 258 12.54 19.93 -19.11
CA VAL A 258 13.17 21.27 -19.04
C VAL A 258 14.04 21.52 -20.27
N ARG A 259 14.78 20.49 -20.72
CA ARG A 259 15.64 20.76 -21.87
C ARG A 259 14.85 20.96 -23.16
N ASP A 260 13.60 20.48 -23.24
CA ASP A 260 12.77 20.77 -24.43
C ASP A 260 12.36 22.24 -24.50
N ILE A 261 12.34 22.93 -23.36
CA ILE A 261 11.93 24.33 -23.28
C ILE A 261 13.11 25.28 -23.31
N TYR A 262 14.20 24.91 -22.62
CA TYR A 262 15.39 25.74 -22.51
C TYR A 262 16.51 25.34 -23.46
N GLY A 263 16.46 24.15 -24.06
CA GLY A 263 17.61 23.62 -24.76
C GLY A 263 18.65 22.97 -23.86
N GLY A 264 18.43 22.97 -22.55
CA GLY A 264 19.39 22.42 -21.61
C GLY A 264 18.93 22.65 -20.18
N ASP A 265 19.85 22.70 -19.22
CA ASP A 265 19.44 22.99 -17.85
C ASP A 265 18.92 24.42 -17.71
N TYR A 266 18.11 24.63 -16.68
CA TYR A 266 17.75 25.96 -16.20
C TYR A 266 18.55 26.18 -14.91
N GLU A 267 19.79 26.66 -15.08
CA GLU A 267 20.73 26.75 -13.96
C GLU A 267 20.25 27.70 -12.89
N ARG A 268 19.63 28.82 -13.30
CA ARG A 268 19.25 29.87 -12.36
C ARG A 268 18.42 29.31 -11.20
N PHE A 269 17.57 28.32 -11.45
CA PHE A 269 16.77 27.73 -10.39
C PHE A 269 17.13 26.27 -10.15
N GLY A 270 18.34 25.87 -10.52
CA GLY A 270 18.78 24.51 -10.23
C GLY A 270 17.85 23.45 -10.77
N LEU A 271 17.31 23.65 -11.98
CA LEU A 271 16.47 22.64 -12.60
C LEU A 271 17.26 21.89 -13.66
N PRO A 272 17.50 20.60 -13.50
CA PRO A 272 18.27 19.86 -14.51
C PRO A 272 17.46 19.72 -15.79
N GLY A 273 18.17 19.63 -16.93
CA GLY A 273 17.50 19.43 -18.20
C GLY A 273 16.58 18.22 -18.25
N TRP A 274 16.87 17.20 -17.43
CA TRP A 274 16.09 15.96 -17.44
C TRP A 274 14.80 16.04 -16.64
N ALA A 275 14.60 17.10 -15.85
CA ALA A 275 13.40 17.22 -15.05
C ALA A 275 12.17 17.42 -15.95
N VAL A 276 11.06 16.83 -15.55
CA VAL A 276 9.82 16.98 -16.31
C VAL A 276 9.28 18.38 -16.06
N ALA A 277 9.12 19.17 -17.12
CA ALA A 277 8.47 20.47 -16.99
C ALA A 277 6.95 20.37 -17.14
N SER A 278 6.46 19.50 -18.00
CA SER A 278 5.03 19.37 -18.26
C SER A 278 4.72 17.91 -18.52
N SER A 279 4.10 17.23 -17.56
CA SER A 279 3.66 15.85 -17.76
C SER A 279 2.68 15.75 -18.92
N PHE A 280 2.90 14.77 -19.82
CA PHE A 280 2.14 14.63 -21.05
C PHE A 280 2.22 15.87 -21.93
N GLY A 281 3.18 16.77 -21.68
CA GLY A 281 3.15 18.05 -22.37
C GLY A 281 3.53 17.97 -23.84
N ASN A 282 4.24 16.91 -24.25
CA ASN A 282 4.50 16.69 -25.67
C ASN A 282 3.29 16.17 -26.43
N MET A 283 2.24 15.77 -25.72
CA MET A 283 1.04 15.28 -26.37
C MET A 283 0.13 16.38 -26.88
N ILE A 284 0.54 17.65 -26.76
CA ILE A 284 -0.20 18.72 -27.41
C ILE A 284 0.06 18.75 -28.90
N TYR A 285 1.05 18.00 -29.38
CA TYR A 285 1.39 17.97 -30.79
C TYR A 285 0.81 16.71 -31.41
N LYS A 286 0.03 16.88 -32.48
CA LYS A 286 -0.68 15.72 -33.02
C LYS A 286 0.30 14.69 -33.56
N GLU A 287 1.39 15.13 -34.18
CA GLU A 287 2.34 14.16 -34.72
C GLU A 287 2.99 13.34 -33.62
N LYS A 288 3.15 13.93 -32.44
CA LYS A 288 3.72 13.15 -31.32
C LYS A 288 2.69 12.20 -30.74
N ARG A 289 1.42 12.60 -30.69
CA ARG A 289 0.38 11.65 -30.27
C ARG A 289 0.31 10.46 -31.20
N GLU A 290 0.60 10.66 -32.47
CA GLU A 290 0.50 9.58 -33.45
C GLU A 290 1.70 8.64 -33.41
N SER A 291 2.82 9.02 -32.77
CA SER A 291 3.98 8.16 -32.73
C SER A 291 4.23 7.52 -31.37
N VAL A 292 3.58 8.02 -30.31
CA VAL A 292 3.81 7.50 -28.96
C VAL A 292 3.27 6.09 -28.85
N SER A 293 3.95 5.23 -28.10
CA SER A 293 3.46 3.88 -27.90
C SER A 293 2.64 3.79 -26.63
N LYS A 294 1.85 2.72 -26.52
CA LYS A 294 1.12 2.48 -25.28
C LYS A 294 2.06 2.29 -24.10
N GLU A 295 3.20 1.64 -24.32
CA GLU A 295 4.16 1.47 -23.23
C GLU A 295 4.68 2.83 -22.75
N ASP A 296 4.92 3.74 -23.70
CA ASP A 296 5.39 5.10 -23.35
C ASP A 296 4.31 5.79 -22.49
N LEU A 297 3.05 5.70 -22.90
CA LEU A 297 1.96 6.32 -22.13
C LEU A 297 1.84 5.69 -20.76
N ALA A 298 1.97 4.35 -20.67
CA ALA A 298 1.95 3.71 -19.36
C ALA A 298 3.04 4.26 -18.47
N ARG A 299 4.25 4.36 -19.00
CA ARG A 299 5.36 4.83 -18.17
C ARG A 299 5.16 6.31 -17.80
N ALA A 300 4.68 7.13 -18.75
CA ALA A 300 4.41 8.53 -18.39
C ALA A 300 3.35 8.63 -17.30
N THR A 301 2.32 7.77 -17.35
CA THR A 301 1.31 7.85 -16.30
C THR A 301 1.93 7.51 -14.95
N LEU A 302 2.76 6.46 -14.91
CA LEU A 302 3.39 6.04 -13.66
C LEU A 302 4.30 7.12 -13.12
N VAL A 303 5.13 7.71 -13.99
CA VAL A 303 6.08 8.76 -13.59
C VAL A 303 5.34 9.99 -13.08
N THR A 304 4.30 10.43 -13.82
CA THR A 304 3.51 11.59 -13.43
C THR A 304 2.91 11.42 -12.03
N ILE A 305 2.25 10.27 -11.79
CA ILE A 305 1.58 10.06 -10.51
C ILE A 305 2.63 9.95 -9.40
N THR A 306 3.72 9.21 -9.67
CA THR A 306 4.74 9.00 -8.64
C THR A 306 5.44 10.29 -8.27
N ASN A 307 5.86 11.07 -9.28
CA ASN A 307 6.53 12.33 -8.97
C ASN A 307 5.59 13.27 -8.20
N ASN A 308 4.30 13.26 -8.54
CA ASN A 308 3.41 14.19 -7.83
C ASN A 308 3.27 13.77 -6.38
N ILE A 309 3.20 12.45 -6.12
CA ILE A 309 3.14 11.94 -4.75
C ILE A 309 4.41 12.34 -3.99
N GLY A 310 5.58 12.15 -4.61
CA GLY A 310 6.83 12.50 -3.93
C GLY A 310 6.91 13.98 -3.61
N SER A 311 6.43 14.82 -4.52
CA SER A 311 6.51 16.26 -4.30
C SER A 311 5.58 16.69 -3.18
N VAL A 312 4.35 16.15 -3.16
CA VAL A 312 3.42 16.49 -2.08
C VAL A 312 3.97 15.97 -0.74
N ALA A 313 4.58 14.78 -0.74
CA ALA A 313 5.21 14.25 0.46
C ALA A 313 6.31 15.17 0.96
N ARG A 314 7.11 15.70 0.02
CA ARG A 314 8.21 16.59 0.40
C ARG A 314 7.68 17.88 1.01
N MET A 315 6.66 18.47 0.39
CA MET A 315 6.10 19.70 0.95
C MET A 315 5.52 19.48 2.34
N CYS A 316 4.82 18.33 2.55
CA CYS A 316 4.25 18.05 3.87
C CYS A 316 5.34 17.79 4.90
N ALA A 317 6.35 17.04 4.52
CA ALA A 317 7.49 16.82 5.43
C ALA A 317 8.13 18.15 5.85
N VAL A 318 8.36 19.06 4.90
CA VAL A 318 8.95 20.34 5.27
C VAL A 318 8.04 21.10 6.22
N ASN A 319 6.73 21.11 5.94
CA ASN A 319 5.82 21.86 6.80
C ASN A 319 5.72 21.23 8.18
N GLU A 320 5.71 19.90 8.25
CA GLU A 320 5.59 19.19 9.52
C GLU A 320 6.91 19.10 10.25
N LYS A 321 8.03 19.48 9.63
CA LYS A 321 9.36 19.36 10.22
C LYS A 321 9.66 17.90 10.58
N ILE A 322 9.37 17.02 9.64
CA ILE A 322 9.61 15.58 9.77
C ILE A 322 10.54 15.15 8.65
N ASN A 323 11.63 14.44 8.98
CA ASN A 323 12.55 14.07 7.91
C ASN A 323 12.48 12.59 7.48
N ARG A 324 11.68 11.76 8.14
CA ARG A 324 11.48 10.36 7.72
C ARG A 324 10.10 10.21 7.11
N VAL A 325 10.04 9.78 5.86
CA VAL A 325 8.78 9.67 5.11
C VAL A 325 8.60 8.22 4.71
N VAL A 326 7.59 7.56 5.26
CA VAL A 326 7.35 6.15 4.95
C VAL A 326 6.16 6.03 4.02
N PHE A 327 6.32 5.26 2.95
CA PHE A 327 5.28 5.10 1.94
C PHE A 327 4.63 3.73 2.10
N VAL A 328 3.30 3.69 2.17
CA VAL A 328 2.53 2.45 2.32
C VAL A 328 1.39 2.44 1.29
N GLY A 329 0.62 1.36 1.27
CA GLY A 329 -0.49 1.22 0.33
C GLY A 329 -0.11 0.32 -0.84
N ASN A 330 -1.12 -0.16 -1.56
CA ASN A 330 -0.81 -1.16 -2.57
C ASN A 330 -0.45 -0.58 -3.92
N PHE A 331 -0.46 0.75 -4.09
CA PHE A 331 0.12 1.28 -5.32
C PHE A 331 1.57 0.81 -5.51
N LEU A 332 2.30 0.62 -4.40
CA LEU A 332 3.69 0.21 -4.48
C LEU A 332 3.89 -1.31 -4.49
N ARG A 333 2.82 -2.11 -4.40
CA ARG A 333 2.97 -3.57 -4.50
C ARG A 333 3.61 -3.97 -5.85
N VAL A 334 4.59 -4.87 -5.83
CA VAL A 334 5.34 -5.35 -6.98
C VAL A 334 5.68 -4.20 -7.93
N ASN A 335 5.94 -3.01 -7.38
CA ASN A 335 6.12 -1.81 -8.18
C ASN A 335 7.48 -1.19 -7.83
N THR A 336 8.57 -1.84 -8.26
CA THR A 336 9.89 -1.31 -7.89
C THR A 336 10.22 -0.02 -8.60
N LEU A 337 9.65 0.19 -9.81
CA LEU A 337 9.91 1.43 -10.54
C LEU A 337 9.46 2.63 -9.71
N SER A 338 8.24 2.58 -9.19
CA SER A 338 7.76 3.70 -8.38
C SER A 338 8.54 3.83 -7.09
N MET A 339 8.90 2.71 -6.45
CA MET A 339 9.70 2.82 -5.23
C MET A 339 11.03 3.49 -5.50
N LYS A 340 11.73 3.06 -6.56
CA LYS A 340 13.04 3.64 -6.84
C LYS A 340 12.92 5.10 -7.27
N LEU A 341 11.84 5.43 -7.98
CA LEU A 341 11.63 6.82 -8.38
C LEU A 341 11.39 7.70 -7.15
N LEU A 342 10.60 7.20 -6.19
CA LEU A 342 10.40 7.93 -4.95
C LEU A 342 11.68 8.07 -4.17
N ALA A 343 12.46 6.99 -4.06
CA ALA A 343 13.71 7.08 -3.31
C ALA A 343 14.65 8.11 -3.93
N TYR A 344 14.76 8.09 -5.25
CA TYR A 344 15.68 9.00 -5.91
C TYR A 344 15.20 10.43 -5.81
N ALA A 345 13.91 10.62 -6.09
CA ALA A 345 13.34 11.97 -6.19
C ALA A 345 13.36 12.64 -4.83
N LEU A 346 12.96 11.93 -3.78
CA LEU A 346 12.95 12.52 -2.46
C LEU A 346 14.36 12.93 -2.02
N ASP A 347 15.34 12.06 -2.28
CA ASP A 347 16.73 12.41 -1.97
C ASP A 347 17.20 13.58 -2.81
N TYR A 348 16.93 13.54 -4.12
CA TYR A 348 17.48 14.57 -5.00
C TYR A 348 16.86 15.94 -4.70
N TRP A 349 15.53 16.02 -4.75
CA TRP A 349 14.90 17.33 -4.60
C TRP A 349 15.01 17.88 -3.18
N SER A 350 15.27 17.02 -2.18
CA SER A 350 15.44 17.53 -0.83
C SER A 350 16.89 17.81 -0.49
N LYS A 351 17.80 17.69 -1.46
CA LYS A 351 19.22 17.85 -1.23
C LYS A 351 19.69 16.94 -0.09
N GLY A 352 19.11 15.74 -0.03
CA GLY A 352 19.49 14.76 0.96
C GLY A 352 18.89 14.94 2.33
N GLN A 353 17.94 15.87 2.49
CA GLN A 353 17.37 16.15 3.81
C GLN A 353 16.27 15.16 4.18
N LEU A 354 15.62 14.55 3.20
CA LEU A 354 14.55 13.59 3.46
C LEU A 354 14.97 12.22 2.97
N LYS A 355 14.44 11.19 3.62
CA LYS A 355 14.72 9.81 3.27
C LYS A 355 13.41 9.09 3.00
N ALA A 356 13.30 8.42 1.83
CA ALA A 356 12.12 7.60 1.55
C ALA A 356 12.26 6.22 2.17
N LEU A 357 11.25 5.82 2.92
CA LEU A 357 11.25 4.54 3.65
C LEU A 357 10.09 3.70 3.16
N PHE A 358 10.27 2.38 3.16
CA PHE A 358 9.28 1.46 2.64
C PHE A 358 9.11 0.32 3.65
N LEU A 359 7.96 -0.35 3.59
CA LEU A 359 7.67 -1.42 4.56
C LEU A 359 7.24 -2.68 3.82
N GLU A 360 7.68 -3.85 4.32
CA GLU A 360 7.38 -5.09 3.61
C GLU A 360 5.88 -5.38 3.60
N HIS A 361 5.15 -4.97 4.64
CA HIS A 361 3.73 -5.30 4.70
C HIS A 361 2.85 -4.13 4.29
N GLU A 362 3.31 -3.34 3.29
CA GLU A 362 2.75 -2.02 2.95
C GLU A 362 1.23 -1.96 2.82
N GLY A 363 0.62 -2.99 2.24
CA GLY A 363 -0.80 -2.85 2.01
C GLY A 363 -1.71 -3.29 3.15
N TYR A 364 -1.16 -3.86 4.23
CA TYR A 364 -1.95 -4.61 5.21
C TYR A 364 -2.04 -3.97 6.58
N PHE A 365 -1.51 -2.75 6.79
CA PHE A 365 -1.43 -2.28 8.16
C PHE A 365 -2.80 -1.99 8.76
N GLY A 366 -3.74 -1.48 7.95
CA GLY A 366 -5.08 -1.26 8.49
C GLY A 366 -5.74 -2.56 8.92
N ALA A 367 -5.60 -3.60 8.11
CA ALA A 367 -6.22 -4.87 8.48
C ALA A 367 -5.61 -5.40 9.78
N VAL A 368 -4.29 -5.26 9.94
CA VAL A 368 -3.67 -5.69 11.19
C VAL A 368 -4.17 -4.84 12.36
N GLY A 369 -4.21 -3.51 12.16
CA GLY A 369 -4.68 -2.65 13.24
C GLY A 369 -6.11 -2.96 13.66
N ALA A 370 -6.95 -3.32 12.69
CA ALA A 370 -8.31 -3.76 13.01
C ALA A 370 -8.29 -5.01 13.86
N LEU A 371 -7.53 -6.02 13.44
CA LEU A 371 -7.42 -7.25 14.22
C LEU A 371 -6.96 -6.95 15.64
N LEU A 372 -6.05 -6.00 15.80
CA LEU A 372 -5.55 -5.67 17.13
C LEU A 372 -6.61 -5.02 18.02
N GLY A 373 -7.72 -4.54 17.45
CA GLY A 373 -8.81 -4.02 18.28
C GLY A 373 -9.74 -5.05 18.86
N LEU A 374 -9.54 -6.32 18.50
CA LEU A 374 -10.42 -7.38 18.99
C LEU A 374 -10.60 -7.41 20.50
N PRO A 375 -9.57 -7.21 21.34
CA PRO A 375 -9.82 -7.29 22.80
C PRO A 375 -10.77 -6.24 23.33
N ASN A 376 -11.02 -5.15 22.60
CA ASN A 376 -11.94 -4.13 23.06
C ASN A 376 -13.40 -4.57 23.03
N PHE A 377 -13.69 -5.74 22.46
CA PHE A 377 -15.08 -6.16 22.24
C PHE A 377 -15.32 -7.58 22.76
C10 N0I B . -8.08 14.71 -0.16
C13 N0I B . -9.79 12.19 0.04
C15 N0I B . -9.10 9.98 0.57
C17 N0I B . -9.93 7.62 0.46
C17 N0I B . -8.70 8.41 2.49
C20 N0I B . -10.39 7.89 3.67
C20 N0I B . -12.07 8.13 0.62
C22 N0I B . -7.89 10.16 -0.10
C26 N0I B . -7.99 17.44 -2.39
C02 N0I B . -7.28 22.43 -2.53
C03 N0I B . -7.92 21.64 -3.48
C04 N0I B . -8.09 20.28 -3.15
C05 N0I B . -7.59 19.91 -1.90
C07 N0I B . -7.32 18.14 -0.06
C08 N0I B . -8.26 17.09 0.52
C11 N0I B . -8.30 13.70 -1.28
C12 N0I B . -8.59 12.37 -0.63
C14 N0I B . -10.05 10.98 0.65
C23 N0I B . -7.63 11.38 -0.69
C25 N0I B . -8.94 16.49 -1.68
N06 N0I B . -7.71 18.55 -1.46
N09 N0I B . -8.43 16.08 -0.43
N16 N0I B . -9.33 8.70 1.22
N27 N0I B . -6.99 20.71 -1.07
N28 N0I B . -6.85 21.99 -1.39
O24 N0I B . -7.67 14.43 0.92
CL01 N0I B . -7.03 24.14 -2.84
O19 N0I B . -8.27 9.62 3.45
O19 N0I B . -10.25 6.27 1.28
O21 N0I B . -7.82 7.44 2.97
O21 N0I B . -9.87 7.19 -0.79
S18 N0I B . -8.89 8.44 2.84
S18 N0I B . -10.36 7.54 0.56
C ACT C . -2.42 0.25 4.96
O ACT C . -3.43 0.31 5.73
OXT ACT C . -1.34 -0.47 5.04
CH3 ACT C . -2.49 1.18 3.75
PG ANP D . -8.65 3.53 -0.37
O1G ANP D . -8.33 4.77 -1.15
O2G ANP D . -10.14 3.49 -0.19
O3G ANP D . -7.89 3.52 0.97
PB ANP D . -7.68 0.94 -1.24
O1B ANP D . -7.49 0.72 0.23
O2B ANP D . -8.40 -0.26 -1.79
N3B ANP D . -8.29 2.37 -1.48
PA ANP D . -4.93 -0.01 -1.62
O1A ANP D . -5.38 -1.44 -1.45
O2A ANP D . -3.96 0.43 -0.56
O3A ANP D . -6.15 0.98 -1.63
O5' ANP D . -4.26 0.30 -3.06
C5' ANP D . -5.06 0.21 -4.26
C4' ANP D . -4.10 0.48 -5.43
O4' ANP D . -3.13 -0.56 -5.46
C3' ANP D . -4.80 0.49 -6.81
O3' ANP D . -5.18 1.85 -7.03
C2' ANP D . -3.62 0.06 -7.72
O2' ANP D . -2.81 1.18 -8.12
C1' ANP D . -2.72 -0.81 -6.80
N9 ANP D . -2.88 -2.26 -6.98
C8 ANP D . -1.93 -3.19 -6.67
N7 ANP D . -2.41 -4.39 -6.88
C5 ANP D . -3.68 -4.29 -7.35
C6 ANP D . -4.64 -5.23 -7.77
N6 ANP D . -4.37 -6.60 -7.74
N1 ANP D . -5.83 -4.77 -8.19
C2 ANP D . -6.06 -3.48 -8.19
N3 ANP D . -5.22 -2.54 -7.84
C4 ANP D . -3.99 -2.92 -7.42
MG MG E . -6.90 1.84 1.91
C1 EDO F . -6.38 -9.71 -6.62
O1 EDO F . -6.25 -8.99 -7.84
C2 EDO F . -6.69 -8.72 -5.50
O2 EDO F . -5.50 -7.99 -5.18
CL CL G . -19.38 -0.32 15.15
#